data_3C8M
#
_entry.id   3C8M
#
_cell.length_a   108.404
_cell.length_b   108.404
_cell.length_c   60.458
_cell.angle_alpha   90.000
_cell.angle_beta   90.000
_cell.angle_gamma   120.000
#
_symmetry.space_group_name_H-M   'P 32 2 1'
#
loop_
_entity.id
_entity.type
_entity.pdbx_description
1 polymer 'Homoserine dehydrogenase'
2 non-polymer 'SULFATE ION'
3 water water
#
_entity_poly.entity_id   1
_entity_poly.type   'polypeptide(L)'
_entity_poly.pdbx_seq_one_letter_code
;SNA(MSE)KTINLSIFGLGNVGLNLLRIIRSFNEENRLGLKFNVVFVADSLHSYYNERIDIGKVISYKEKGSLDSLEYES
ISASEALARDFDIVVDATPASADGKKELAFYKETFENGKDVVTANKSGLANFWPEI(MSE)EYARSNNRRIRYEATVAGG
VPLFSFIDYSVLPSRIKKFRGIVSLTINYFIRELANKREFDDVLSEATKLGIVEKNYKDDLTGLDAARKSVILCNHLYGS
SYRLSDVFYEGILDQDRSFGKNERLVTETGIVNGKPSAESRIKSLDSNDYLLTLGKGSLGYQLQTDTNGTLNVSDLYDGP
YETAGAV(MSE)NDLVILS(MSE)FTV
;
_entity_poly.pdbx_strand_id   A
#
# COMPACT_ATOMS: atom_id res chain seq x y z
N LYS A 5 -18.52 -19.89 3.77
CA LYS A 5 -18.51 -19.11 2.52
C LYS A 5 -17.13 -19.09 1.84
N THR A 6 -17.07 -19.53 0.57
CA THR A 6 -15.81 -19.58 -0.17
C THR A 6 -15.73 -18.39 -1.14
N ILE A 7 -14.61 -17.69 -1.04
CA ILE A 7 -14.31 -16.55 -1.87
C ILE A 7 -13.13 -16.92 -2.76
N ASN A 8 -13.30 -16.74 -4.06
CA ASN A 8 -12.25 -17.09 -5.04
C ASN A 8 -11.40 -15.90 -5.45
N LEU A 9 -10.07 -16.07 -5.42
CA LEU A 9 -9.14 -14.96 -5.66
C LEU A 9 -8.26 -15.21 -6.84
N SER A 10 -7.85 -14.13 -7.53
CA SER A 10 -6.76 -14.24 -8.51
C SER A 10 -5.68 -13.28 -8.01
N ILE A 11 -4.48 -13.80 -7.77
CA ILE A 11 -3.40 -13.03 -7.15
C ILE A 11 -2.31 -12.69 -8.19
N PHE A 12 -2.04 -11.40 -8.37
CA PHE A 12 -1.09 -10.99 -9.39
C PHE A 12 0.08 -10.40 -8.64
N GLY A 13 1.23 -11.04 -8.73
CA GLY A 13 2.43 -10.62 -8.02
C GLY A 13 2.79 -11.56 -6.88
N LEU A 14 4.01 -12.12 -6.95
CA LEU A 14 4.52 -13.04 -5.92
C LEU A 14 5.84 -12.57 -5.32
N GLY A 15 5.97 -11.24 -5.17
CA GLY A 15 7.10 -10.63 -4.47
C GLY A 15 6.87 -10.76 -2.98
N ASN A 16 7.54 -9.95 -2.16
CA ASN A 16 7.46 -10.15 -0.73
C ASN A 16 6.02 -10.07 -0.20
N VAL A 17 5.21 -9.16 -0.74
CA VAL A 17 3.83 -9.05 -0.26
C VAL A 17 2.98 -10.21 -0.75
N GLY A 18 3.02 -10.50 -2.05
CA GLY A 18 2.15 -11.52 -2.63
C GLY A 18 2.45 -12.91 -2.08
N LEU A 19 3.73 -13.22 -1.91
CA LEU A 19 4.11 -14.51 -1.36
C LEU A 19 3.69 -14.66 0.12
N ASN A 20 3.92 -13.64 0.93
CA ASN A 20 3.41 -13.65 2.28
C ASN A 20 1.89 -13.70 2.32
N LEU A 21 1.21 -13.07 1.37
CA LEU A 21 -0.24 -13.20 1.31
C LEU A 21 -0.71 -14.66 1.14
N LEU A 22 -0.04 -15.40 0.25
CA LEU A 22 -0.31 -16.84 0.14
C LEU A 22 -0.16 -17.57 1.48
N ARG A 23 0.91 -17.30 2.21
CA ARG A 23 1.14 -17.93 3.51
C ARG A 23 -0.02 -17.58 4.46
N ILE A 24 -0.41 -16.30 4.46
CA ILE A 24 -1.46 -15.82 5.34
C ILE A 24 -2.78 -16.47 4.97
N ILE A 25 -3.08 -16.57 3.67
CA ILE A 25 -4.32 -17.23 3.26
C ILE A 25 -4.40 -18.68 3.80
N ARG A 26 -3.31 -19.42 3.68
CA ARG A 26 -3.28 -20.79 4.20
C ARG A 26 -3.57 -20.86 5.69
N SER A 27 -2.94 -20.01 6.49
CA SER A 27 -3.18 -20.03 7.92
CA SER A 27 -3.16 -19.99 7.93
C SER A 27 -4.59 -19.54 8.25
N PHE A 28 -5.04 -18.52 7.53
CA PHE A 28 -6.39 -17.98 7.76
C PHE A 28 -7.45 -19.07 7.51
N ASN A 29 -7.32 -19.75 6.37
CA ASN A 29 -8.28 -20.79 6.02
C ASN A 29 -8.37 -21.87 7.12
N GLU A 30 -7.22 -22.19 7.70
CA GLU A 30 -7.14 -23.17 8.79
CA GLU A 30 -7.18 -23.18 8.78
C GLU A 30 -7.76 -22.69 10.11
N GLU A 31 -7.57 -21.40 10.44
CA GLU A 31 -7.73 -20.85 11.80
CA GLU A 31 -7.74 -20.87 11.80
C GLU A 31 -8.89 -19.88 12.04
N ASN A 32 -9.36 -19.20 10.99
CA ASN A 32 -10.38 -18.15 11.18
C ASN A 32 -11.73 -18.63 11.77
N ARG A 33 -12.32 -17.77 12.62
CA ARG A 33 -13.61 -18.00 13.25
CA ARG A 33 -13.64 -18.04 13.21
C ARG A 33 -14.71 -17.20 12.53
N LEU A 34 -14.44 -16.87 11.27
CA LEU A 34 -15.28 -15.94 10.54
C LEU A 34 -16.17 -16.66 9.55
N GLY A 35 -16.04 -17.98 9.45
CA GLY A 35 -16.86 -18.71 8.48
C GLY A 35 -16.52 -18.45 7.02
N LEU A 36 -15.23 -18.16 6.77
CA LEU A 36 -14.76 -17.87 5.42
C LEU A 36 -13.68 -18.86 4.98
N LYS A 37 -13.56 -19.08 3.67
CA LYS A 37 -12.41 -19.81 3.15
C LYS A 37 -12.02 -19.07 1.89
N PHE A 38 -10.73 -18.80 1.69
CA PHE A 38 -10.31 -18.17 0.44
C PHE A 38 -9.67 -19.20 -0.45
N ASN A 39 -10.22 -19.36 -1.64
CA ASN A 39 -9.69 -20.27 -2.65
C ASN A 39 -8.97 -19.44 -3.74
N VAL A 40 -7.77 -19.84 -4.09
CA VAL A 40 -7.02 -19.16 -5.13
C VAL A 40 -7.21 -19.92 -6.44
N VAL A 41 -7.61 -19.21 -7.51
CA VAL A 41 -7.77 -19.86 -8.82
C VAL A 41 -6.67 -19.48 -9.81
N PHE A 42 -5.92 -18.42 -9.50
CA PHE A 42 -4.93 -17.92 -10.42
C PHE A 42 -3.81 -17.23 -9.62
N VAL A 43 -2.56 -17.51 -9.99
CA VAL A 43 -1.41 -16.74 -9.45
C VAL A 43 -0.50 -16.35 -10.62
N ALA A 44 0.01 -15.12 -10.60
CA ALA A 44 1.01 -14.74 -11.58
C ALA A 44 2.18 -14.06 -10.94
N ASP A 45 3.36 -14.28 -11.49
CA ASP A 45 4.47 -13.40 -11.17
C ASP A 45 5.01 -12.86 -12.52
N SER A 46 6.25 -12.37 -12.59
CA SER A 46 6.69 -11.77 -13.85
C SER A 46 7.01 -12.81 -14.89
N LEU A 47 7.15 -14.07 -14.46
CA LEU A 47 7.56 -15.12 -15.39
C LEU A 47 6.43 -16.10 -15.75
N HIS A 48 5.48 -16.28 -14.82
CA HIS A 48 4.49 -17.36 -14.92
C HIS A 48 3.10 -16.87 -14.63
N SER A 49 2.11 -17.51 -15.26
CA SER A 49 0.70 -17.21 -14.99
CA SER A 49 0.71 -17.21 -14.96
C SER A 49 -0.05 -18.52 -14.98
N TYR A 50 -0.49 -18.95 -13.80
CA TYR A 50 -1.08 -20.27 -13.64
C TYR A 50 -2.53 -20.18 -13.17
N TYR A 51 -3.40 -20.95 -13.83
CA TYR A 51 -4.83 -21.03 -13.47
C TYR A 51 -5.16 -22.46 -13.06
N ASN A 52 -5.99 -22.61 -12.02
CA ASN A 52 -6.57 -23.91 -11.69
C ASN A 52 -7.78 -23.62 -10.83
N GLU A 53 -8.85 -24.40 -10.99
CA GLU A 53 -10.04 -24.29 -10.11
CA GLU A 53 -10.03 -24.21 -10.12
C GLU A 53 -9.69 -24.19 -8.64
N ARG A 54 -8.61 -24.87 -8.24
CA ARG A 54 -8.15 -24.88 -6.85
CA ARG A 54 -8.15 -24.87 -6.85
C ARG A 54 -6.63 -24.96 -6.80
N ILE A 55 -5.96 -23.83 -6.93
CA ILE A 55 -4.52 -23.80 -6.91
C ILE A 55 -4.11 -24.39 -5.56
N ASP A 56 -3.05 -25.20 -5.57
CA ASP A 56 -2.47 -25.72 -4.34
C ASP A 56 -1.51 -24.63 -3.82
N ILE A 57 -1.98 -23.87 -2.83
CA ILE A 57 -1.25 -22.70 -2.37
C ILE A 57 0.08 -23.10 -1.76
N GLY A 58 0.07 -24.16 -0.97
CA GLY A 58 1.32 -24.64 -0.39
C GLY A 58 2.38 -24.97 -1.43
N LYS A 59 1.97 -25.61 -2.51
CA LYS A 59 2.88 -25.94 -3.62
C LYS A 59 3.44 -24.69 -4.31
N VAL A 60 2.58 -23.69 -4.53
CA VAL A 60 3.02 -22.43 -5.10
C VAL A 60 4.08 -21.78 -4.22
N ILE A 61 3.82 -21.71 -2.90
CA ILE A 61 4.80 -21.16 -1.95
C ILE A 61 6.13 -21.91 -2.06
N SER A 62 6.03 -23.24 -2.00
CA SER A 62 7.22 -24.06 -2.01
C SER A 62 8.03 -23.84 -3.31
N TYR A 63 7.36 -23.83 -4.44
CA TYR A 63 8.07 -23.73 -5.70
C TYR A 63 8.70 -22.35 -5.86
N LYS A 64 7.96 -21.32 -5.45
CA LYS A 64 8.46 -19.97 -5.43
C LYS A 64 9.66 -19.80 -4.49
N GLU A 65 9.60 -20.41 -3.30
CA GLU A 65 10.77 -20.34 -2.40
C GLU A 65 12.00 -21.02 -3.01
N LYS A 66 11.78 -22.11 -3.73
CA LYS A 66 12.88 -22.89 -4.26
C LYS A 66 13.38 -22.30 -5.57
N GLY A 67 12.71 -21.25 -6.03
CA GLY A 67 12.96 -20.68 -7.35
C GLY A 67 12.78 -21.73 -8.42
N SER A 68 11.59 -22.33 -8.47
CA SER A 68 11.29 -23.34 -9.46
C SER A 68 9.78 -23.42 -9.77
N LEU A 69 9.14 -22.25 -9.93
CA LEU A 69 7.77 -22.17 -10.49
C LEU A 69 7.69 -22.63 -11.94
N ASP A 70 8.81 -22.57 -12.68
CA ASP A 70 8.94 -23.18 -14.02
C ASP A 70 8.27 -24.55 -14.09
N SER A 71 8.55 -25.35 -13.06
CA SER A 71 8.09 -26.73 -13.00
C SER A 71 6.62 -26.98 -12.61
N LEU A 72 5.78 -25.93 -12.57
CA LEU A 72 4.35 -26.11 -12.25
C LEU A 72 3.46 -26.38 -13.45
N GLU A 73 2.58 -27.36 -13.32
CA GLU A 73 1.95 -27.93 -14.50
C GLU A 73 0.51 -27.45 -14.82
N TYR A 74 0.12 -26.37 -14.15
CA TYR A 74 -1.19 -25.79 -14.29
C TYR A 74 -1.36 -25.14 -15.63
N GLU A 75 -2.62 -24.95 -16.02
CA GLU A 75 -2.96 -24.15 -17.20
C GLU A 75 -2.20 -22.82 -17.12
N SER A 76 -1.66 -22.36 -18.25
CA SER A 76 -1.17 -20.98 -18.35
C SER A 76 -2.15 -20.15 -19.19
N ILE A 77 -2.54 -18.97 -18.70
CA ILE A 77 -3.39 -18.06 -19.44
C ILE A 77 -2.92 -16.64 -19.13
N SER A 78 -3.16 -15.70 -20.05
CA SER A 78 -2.77 -14.31 -19.85
C SER A 78 -3.66 -13.68 -18.76
N ALA A 79 -3.22 -12.53 -18.28
CA ALA A 79 -3.93 -11.79 -17.26
C ALA A 79 -5.37 -11.50 -17.74
N SER A 80 -5.54 -11.08 -19.01
CA SER A 80 -6.88 -10.72 -19.53
C SER A 80 -7.81 -11.95 -19.56
N GLU A 81 -7.27 -13.08 -20.01
CA GLU A 81 -8.01 -14.36 -19.95
CA GLU A 81 -8.05 -14.32 -19.96
C GLU A 81 -8.42 -14.69 -18.51
N ALA A 82 -7.48 -14.56 -17.59
CA ALA A 82 -7.75 -14.89 -16.17
C ALA A 82 -8.90 -14.04 -15.65
N LEU A 83 -8.93 -12.77 -16.06
CA LEU A 83 -9.96 -11.85 -15.53
C LEU A 83 -11.36 -12.29 -15.96
N ALA A 84 -11.43 -13.03 -17.08
CA ALA A 84 -12.72 -13.53 -17.59
C ALA A 84 -13.17 -14.86 -16.95
N ARG A 85 -12.32 -15.51 -16.17
CA ARG A 85 -12.72 -16.74 -15.48
C ARG A 85 -13.61 -16.43 -14.28
N ASP A 86 -14.26 -17.40 -13.69
CA ASP A 86 -15.12 -17.08 -12.56
CA ASP A 86 -15.15 -17.14 -12.57
C ASP A 86 -14.38 -17.04 -11.24
N PHE A 87 -14.41 -15.84 -10.63
CA PHE A 87 -13.79 -15.63 -9.31
C PHE A 87 -14.36 -14.31 -8.77
N ASP A 88 -13.95 -13.92 -7.55
CA ASP A 88 -14.57 -12.79 -6.86
C ASP A 88 -13.71 -11.52 -6.86
N ILE A 89 -12.44 -11.67 -6.49
CA ILE A 89 -11.56 -10.52 -6.20
C ILE A 89 -10.16 -10.72 -6.81
N VAL A 90 -9.69 -9.66 -7.45
CA VAL A 90 -8.30 -9.52 -7.92
C VAL A 90 -7.46 -8.91 -6.81
N VAL A 91 -6.30 -9.49 -6.54
CA VAL A 91 -5.29 -8.84 -5.69
C VAL A 91 -4.16 -8.36 -6.60
N ASP A 92 -3.89 -7.06 -6.55
CA ASP A 92 -2.79 -6.46 -7.31
C ASP A 92 -1.61 -6.23 -6.36
N ALA A 93 -0.64 -7.15 -6.42
CA ALA A 93 0.63 -7.00 -5.68
C ALA A 93 1.79 -6.98 -6.68
N THR A 94 1.53 -6.40 -7.85
CA THR A 94 2.55 -6.29 -8.93
C THR A 94 3.46 -5.07 -8.71
N PRO A 95 4.62 -5.05 -9.39
CA PRO A 95 5.46 -3.83 -9.36
C PRO A 95 4.73 -2.60 -9.92
N ALA A 96 4.97 -1.48 -9.27
CA ALA A 96 4.31 -0.25 -9.62
C ALA A 96 4.96 0.34 -10.88
N SER A 97 4.14 0.70 -11.85
CA SER A 97 4.64 1.43 -13.04
C SER A 97 4.94 2.89 -12.69
N ALA A 98 5.69 3.58 -13.55
CA ALA A 98 6.01 4.97 -13.30
C ALA A 98 4.78 5.86 -13.44
N ASP A 99 3.91 5.55 -14.38
CA ASP A 99 2.84 6.49 -14.76
C ASP A 99 1.42 6.04 -14.42
N GLY A 100 1.26 4.83 -13.93
CA GLY A 100 -0.04 4.35 -13.47
C GLY A 100 -0.96 3.85 -14.57
N LYS A 101 -0.56 3.92 -15.85
CA LYS A 101 -1.45 3.50 -16.94
C LYS A 101 -1.77 2.00 -16.95
N LYS A 102 -0.76 1.17 -16.73
CA LYS A 102 -1.00 -0.28 -16.72
C LYS A 102 -1.96 -0.67 -15.60
N GLU A 103 -1.86 0.00 -14.45
CA GLU A 103 -2.77 -0.26 -13.31
C GLU A 103 -4.19 0.19 -13.65
N LEU A 104 -4.30 1.39 -14.21
CA LEU A 104 -5.63 1.88 -14.67
C LEU A 104 -6.29 0.88 -15.64
N ALA A 105 -5.56 0.47 -16.67
CA ALA A 105 -6.11 -0.43 -17.66
C ALA A 105 -6.50 -1.78 -17.02
N PHE A 106 -5.68 -2.23 -16.08
CA PHE A 106 -5.95 -3.49 -15.37
C PHE A 106 -7.23 -3.46 -14.52
N TYR A 107 -7.41 -2.36 -13.77
CA TYR A 107 -8.60 -2.25 -12.93
C TYR A 107 -9.83 -2.10 -13.82
N LYS A 108 -9.72 -1.33 -14.91
CA LYS A 108 -10.87 -1.19 -15.82
C LYS A 108 -11.32 -2.58 -16.28
N GLU A 109 -10.36 -3.40 -16.71
CA GLU A 109 -10.71 -4.70 -17.26
C GLU A 109 -11.25 -5.61 -16.15
N THR A 110 -10.71 -5.46 -14.94
CA THR A 110 -11.22 -6.21 -13.80
C THR A 110 -12.69 -5.88 -13.49
N PHE A 111 -12.99 -4.59 -13.35
CA PHE A 111 -14.35 -4.17 -13.01
C PHE A 111 -15.33 -4.59 -14.11
N GLU A 112 -14.91 -4.42 -15.36
CA GLU A 112 -15.76 -4.79 -16.49
C GLU A 112 -16.09 -6.28 -16.51
N ASN A 113 -15.18 -7.09 -15.98
CA ASN A 113 -15.37 -8.54 -15.87
C ASN A 113 -16.12 -8.94 -14.60
N GLY A 114 -16.50 -7.93 -13.81
CA GLY A 114 -17.37 -8.13 -12.66
C GLY A 114 -16.65 -8.57 -11.40
N LYS A 115 -15.37 -8.17 -11.24
CA LYS A 115 -14.62 -8.51 -10.04
C LYS A 115 -14.23 -7.25 -9.28
N ASP A 116 -14.08 -7.38 -7.95
CA ASP A 116 -13.50 -6.28 -7.13
C ASP A 116 -11.96 -6.32 -7.15
N VAL A 117 -11.34 -5.24 -6.66
CA VAL A 117 -9.86 -5.15 -6.60
C VAL A 117 -9.43 -4.87 -5.17
N VAL A 118 -8.36 -5.55 -4.72
CA VAL A 118 -7.62 -5.16 -3.53
C VAL A 118 -6.22 -4.94 -4.02
N THR A 119 -5.68 -3.75 -3.82
CA THR A 119 -4.34 -3.46 -4.30
C THR A 119 -3.36 -3.05 -3.23
N ALA A 120 -2.11 -3.48 -3.44
CA ALA A 120 -0.97 -2.99 -2.68
C ALA A 120 -0.08 -2.06 -3.54
N ASN A 121 -0.44 -1.91 -4.80
CA ASN A 121 0.29 -1.09 -5.78
C ASN A 121 -0.36 0.27 -5.81
N LYS A 122 0.42 1.31 -5.54
CA LYS A 122 -0.15 2.66 -5.44
C LYS A 122 -0.21 3.49 -6.74
N SER A 123 0.40 2.98 -7.82
CA SER A 123 0.61 3.77 -9.04
CA SER A 123 0.62 3.76 -9.03
C SER A 123 -0.66 4.20 -9.75
N GLY A 124 -1.59 3.27 -9.94
CA GLY A 124 -2.85 3.62 -10.59
C GLY A 124 -3.59 4.68 -9.78
N LEU A 125 -3.66 4.45 -8.47
CA LEU A 125 -4.40 5.36 -7.58
C LEU A 125 -3.77 6.73 -7.45
N ALA A 126 -2.44 6.82 -7.50
CA ALA A 126 -1.77 8.11 -7.38
C ALA A 126 -1.86 8.96 -8.64
N ASN A 127 -2.16 8.33 -9.78
CA ASN A 127 -2.16 9.03 -11.06
C ASN A 127 -3.52 9.14 -11.71
N PHE A 128 -4.39 8.14 -11.47
CA PHE A 128 -5.69 8.05 -12.15
C PHE A 128 -6.84 7.75 -11.20
N TRP A 129 -6.82 8.34 -10.02
CA TRP A 129 -7.89 8.09 -9.02
C TRP A 129 -9.32 8.30 -9.58
N PRO A 130 -9.61 9.48 -10.19
CA PRO A 130 -11.01 9.67 -10.58
C PRO A 130 -11.46 8.70 -11.67
N GLU A 131 -10.53 8.34 -12.57
CA GLU A 131 -10.84 7.37 -13.61
C GLU A 131 -11.10 5.99 -13.03
N ILE A 132 -10.26 5.57 -12.09
CA ILE A 132 -10.47 4.28 -11.42
C ILE A 132 -11.83 4.29 -10.72
N GLU A 134 -14.49 6.05 -11.27
CA GLU A 134 -15.58 6.07 -12.24
C GLU A 134 -15.84 4.69 -12.87
N TYR A 135 -14.77 3.97 -13.24
CA TYR A 135 -14.89 2.58 -13.72
C TYR A 135 -15.50 1.67 -12.66
N ALA A 136 -15.07 1.81 -11.40
CA ALA A 136 -15.67 1.06 -10.30
C ALA A 136 -17.18 1.33 -10.19
N ARG A 137 -17.53 2.62 -10.21
CA ARG A 137 -18.92 3.05 -10.06
C ARG A 137 -19.77 2.52 -11.24
N SER A 138 -19.27 2.72 -12.46
CA SER A 138 -19.93 2.29 -13.71
CA SER A 138 -20.02 2.33 -13.65
C SER A 138 -20.28 0.83 -13.66
N ASN A 139 -19.33 0.06 -13.15
CA ASN A 139 -19.45 -1.38 -13.16
C ASN A 139 -20.00 -1.97 -11.87
N ASN A 140 -20.33 -1.10 -10.91
CA ASN A 140 -20.84 -1.52 -9.61
CA ASN A 140 -20.83 -1.50 -9.58
C ASN A 140 -19.87 -2.46 -8.89
N ARG A 141 -18.57 -2.13 -8.94
CA ARG A 141 -17.57 -2.92 -8.22
CA ARG A 141 -17.53 -2.91 -8.26
C ARG A 141 -16.84 -2.04 -7.20
N ARG A 142 -16.00 -2.67 -6.38
CA ARG A 142 -15.32 -1.98 -5.26
CA ARG A 142 -15.32 -1.95 -5.29
C ARG A 142 -13.83 -2.17 -5.38
N ILE A 143 -13.08 -1.21 -4.83
CA ILE A 143 -11.61 -1.33 -4.70
C ILE A 143 -11.18 -0.91 -3.31
N ARG A 144 -10.28 -1.70 -2.70
CA ARG A 144 -9.70 -1.28 -1.43
C ARG A 144 -8.22 -1.29 -1.59
N TYR A 145 -7.53 -0.55 -0.73
CA TYR A 145 -6.10 -0.26 -0.98
C TYR A 145 -5.36 0.03 0.34
N GLU A 146 -5.71 -0.72 1.40
CA GLU A 146 -5.08 -0.55 2.72
C GLU A 146 -3.55 -0.52 2.62
N ALA A 147 -2.99 -1.46 1.86
CA ALA A 147 -1.54 -1.66 1.85
C ALA A 147 -0.79 -0.56 1.09
N THR A 148 -1.52 0.33 0.40
CA THR A 148 -0.83 1.36 -0.38
C THR A 148 -0.19 2.49 0.44
N VAL A 149 -0.69 2.74 1.66
CA VAL A 149 -0.17 3.80 2.52
C VAL A 149 -0.08 3.28 3.96
N ALA A 150 1.08 3.48 4.57
CA ALA A 150 1.37 3.07 5.97
C ALA A 150 1.36 1.52 6.10
N GLY A 151 1.68 0.82 5.02
CA GLY A 151 1.90 -0.63 5.07
C GLY A 151 0.84 -1.41 5.85
N GLY A 152 1.28 -2.11 6.90
CA GLY A 152 0.33 -2.92 7.69
C GLY A 152 -0.36 -2.16 8.82
N VAL A 153 -0.11 -0.85 8.97
CA VAL A 153 -0.76 -0.13 10.08
C VAL A 153 -2.15 0.24 9.66
N PRO A 154 -3.17 -0.21 10.40
CA PRO A 154 -4.55 0.09 9.93
C PRO A 154 -4.72 1.61 9.76
N LEU A 155 -5.23 2.02 8.60
CA LEU A 155 -5.38 3.46 8.29
C LEU A 155 -6.70 3.67 7.55
N PHE A 156 -6.85 3.04 6.38
CA PHE A 156 -8.11 3.18 5.66
C PHE A 156 -9.25 2.45 6.34
N SER A 157 -8.99 1.25 6.81
CA SER A 157 -10.00 0.56 7.62
C SER A 157 -10.31 1.33 8.92
N PHE A 158 -9.30 1.96 9.51
CA PHE A 158 -9.44 2.79 10.72
C PHE A 158 -10.38 3.96 10.45
N ILE A 159 -10.11 4.67 9.37
CA ILE A 159 -11.01 5.74 8.93
C ILE A 159 -12.44 5.25 8.63
N ASP A 160 -12.52 4.11 7.95
CA ASP A 160 -13.78 3.65 7.38
C ASP A 160 -14.71 2.98 8.42
N TYR A 161 -14.14 2.49 9.51
CA TYR A 161 -14.90 1.69 10.50
C TYR A 161 -14.73 2.10 11.95
N SER A 162 -13.73 2.94 12.23
CA SER A 162 -13.49 3.32 13.64
C SER A 162 -13.82 4.77 14.00
N VAL A 163 -13.85 5.68 13.01
CA VAL A 163 -14.14 7.10 13.26
C VAL A 163 -15.21 7.59 12.28
N LEU A 164 -16.19 6.72 12.02
CA LEU A 164 -17.31 7.06 11.13
C LEU A 164 -18.01 8.40 11.44
N PRO A 165 -18.23 8.71 12.71
CA PRO A 165 -18.96 9.96 12.95
C PRO A 165 -18.18 11.25 12.66
N SER A 166 -16.86 11.16 12.50
CA SER A 166 -16.06 12.39 12.35
C SER A 166 -16.04 12.88 10.92
N ARG A 167 -15.90 14.20 10.77
N ARG A 167 -16.35 14.17 10.77
CA ARG A 167 -15.41 14.77 9.52
CA ARG A 167 -16.55 14.80 9.45
C ARG A 167 -13.92 15.11 9.66
C ARG A 167 -15.21 15.31 8.96
N ILE A 168 -13.04 14.14 9.41
N ILE A 168 -14.70 16.33 9.62
CA ILE A 168 -11.57 14.20 9.70
CA ILE A 168 -13.33 16.77 9.33
C ILE A 168 -10.84 15.50 9.39
C ILE A 168 -12.26 15.96 10.11
N LYS A 169 -10.27 16.10 10.43
N LYS A 169 -11.07 15.93 9.50
CA LYS A 169 -9.77 17.47 10.32
CA LYS A 169 -9.92 15.26 10.05
C LYS A 169 -8.36 17.48 9.87
C LYS A 169 -8.62 15.80 9.38
N LYS A 170 -7.63 16.38 10.14
CA LYS A 170 -6.23 16.47 9.73
C LYS A 170 -5.47 15.16 9.93
N PHE A 171 -4.54 14.89 9.01
CA PHE A 171 -3.67 13.72 9.13
C PHE A 171 -2.23 14.20 9.13
N ARG A 172 -1.40 13.70 10.04
CA ARG A 172 0.05 13.93 9.97
C ARG A 172 0.73 12.65 10.24
N GLY A 173 1.68 12.25 9.42
CA GLY A 173 2.36 11.00 9.75
C GLY A 173 3.69 10.79 9.04
N ILE A 174 4.38 9.76 9.51
CA ILE A 174 5.58 9.24 8.85
CA ILE A 174 5.56 9.25 8.82
C ILE A 174 5.10 8.03 8.04
N VAL A 175 5.02 8.20 6.73
CA VAL A 175 4.50 7.14 5.83
C VAL A 175 5.56 6.70 4.79
N SER A 176 6.75 7.33 4.82
CA SER A 176 7.85 7.06 3.86
C SER A 176 9.15 6.86 4.66
N LEU A 177 9.48 5.61 4.94
CA LEU A 177 10.55 5.27 5.90
C LEU A 177 11.97 5.46 5.38
N THR A 178 12.20 5.15 4.10
CA THR A 178 13.58 5.15 3.57
C THR A 178 14.17 6.58 3.60
N ILE A 179 13.39 7.57 3.15
CA ILE A 179 13.90 8.96 3.17
C ILE A 179 14.13 9.44 4.59
N ASN A 180 13.23 9.05 5.48
CA ASN A 180 13.39 9.39 6.87
C ASN A 180 14.59 8.68 7.53
N TYR A 181 14.85 7.45 7.13
CA TYR A 181 16.05 6.76 7.58
C TYR A 181 17.29 7.59 7.18
N PHE A 182 17.37 7.99 5.92
CA PHE A 182 18.50 8.78 5.46
C PHE A 182 18.62 10.09 6.21
N ILE A 183 17.50 10.79 6.44
CA ILE A 183 17.51 12.05 7.18
C ILE A 183 18.13 11.86 8.56
N ARG A 184 17.66 10.83 9.27
CA ARG A 184 18.09 10.55 10.64
C ARG A 184 19.57 10.12 10.70
N GLU A 185 20.02 9.32 9.75
CA GLU A 185 21.44 8.95 9.71
C GLU A 185 22.35 10.13 9.41
N LEU A 186 21.92 10.98 8.47
CA LEU A 186 22.60 12.23 8.19
C LEU A 186 22.63 13.14 9.42
N ALA A 187 21.57 13.13 10.22
CA ALA A 187 21.56 13.91 11.45
C ALA A 187 22.53 13.34 12.50
N ASN A 188 22.99 12.10 12.30
CA ASN A 188 24.03 11.51 13.17
C ASN A 188 25.41 12.00 12.78
N LYS A 189 25.44 13.05 11.96
CA LYS A 189 26.65 13.63 11.36
C LYS A 189 27.41 12.62 10.48
N ARG A 190 26.70 12.04 9.52
CA ARG A 190 27.30 11.16 8.55
C ARG A 190 27.21 11.78 7.17
N GLU A 191 28.08 11.33 6.27
CA GLU A 191 28.10 11.79 4.88
CA GLU A 191 28.09 11.81 4.89
C GLU A 191 27.12 10.97 4.07
N PHE A 192 26.43 11.62 3.12
CA PHE A 192 25.43 10.93 2.28
C PHE A 192 25.99 9.67 1.62
N ASP A 193 27.18 9.78 1.07
CA ASP A 193 27.70 8.63 0.34
C ASP A 193 28.01 7.42 1.24
N ASP A 194 28.33 7.67 2.51
CA ASP A 194 28.57 6.59 3.49
C ASP A 194 27.24 5.98 3.93
N VAL A 195 26.27 6.86 4.14
CA VAL A 195 24.91 6.39 4.49
C VAL A 195 24.36 5.52 3.36
N LEU A 196 24.46 6.02 2.12
CA LEU A 196 24.01 5.28 0.94
C LEU A 196 24.70 3.93 0.77
N SER A 197 26.03 3.92 0.93
CA SER A 197 26.81 2.71 0.75
CA SER A 197 26.80 2.70 0.74
C SER A 197 26.35 1.59 1.68
N GLU A 198 26.22 1.92 2.97
CA GLU A 198 25.78 0.96 3.96
C GLU A 198 24.32 0.55 3.74
N ALA A 199 23.46 1.51 3.42
CA ALA A 199 22.03 1.24 3.24
C ALA A 199 21.82 0.27 2.08
N THR A 200 22.67 0.37 1.05
CA THR A 200 22.67 -0.55 -0.07
C THR A 200 23.02 -1.99 0.37
N LYS A 201 24.10 -2.14 1.13
CA LYS A 201 24.51 -3.46 1.64
C LYS A 201 23.43 -4.07 2.55
N LEU A 202 22.76 -3.22 3.34
CA LEU A 202 21.68 -3.68 4.22
C LEU A 202 20.36 -4.01 3.53
N GLY A 203 20.20 -3.62 2.27
CA GLY A 203 18.93 -3.79 1.58
C GLY A 203 17.87 -2.76 1.98
N ILE A 204 18.29 -1.65 2.58
CA ILE A 204 17.37 -0.58 3.00
C ILE A 204 16.94 0.23 1.79
N VAL A 205 17.85 0.43 0.88
CA VAL A 205 17.56 1.26 -0.25
C VAL A 205 17.76 0.41 -1.50
N GLU A 206 16.93 0.67 -2.49
CA GLU A 206 16.99 0.03 -3.79
C GLU A 206 18.19 0.51 -4.64
N LYS A 207 18.43 -0.16 -5.77
CA LYS A 207 19.46 0.26 -6.73
C LYS A 207 19.11 1.66 -7.24
N ASN A 208 17.85 1.83 -7.59
CA ASN A 208 17.35 3.13 -7.95
C ASN A 208 16.59 3.78 -6.80
N TYR A 209 17.24 4.74 -6.13
CA TYR A 209 16.66 5.27 -4.89
C TYR A 209 15.95 6.60 -5.08
N LYS A 210 15.81 7.02 -6.33
CA LYS A 210 15.33 8.36 -6.62
CA LYS A 210 15.32 8.36 -6.63
C LYS A 210 13.91 8.59 -6.12
N ASP A 211 13.00 7.67 -6.42
CA ASP A 211 11.59 7.86 -5.99
C ASP A 211 11.46 8.08 -4.48
N ASP A 212 12.20 7.31 -3.69
CA ASP A 212 12.18 7.53 -2.23
C ASP A 212 12.84 8.81 -1.83
N LEU A 213 14.08 9.02 -2.30
CA LEU A 213 14.86 10.15 -1.77
C LEU A 213 14.49 11.54 -2.28
N THR A 214 13.72 11.62 -3.38
CA THR A 214 13.17 12.90 -3.85
C THR A 214 11.83 13.23 -3.20
N GLY A 215 11.33 12.30 -2.37
CA GLY A 215 10.03 12.49 -1.69
C GLY A 215 8.84 12.08 -2.54
N LEU A 216 9.09 11.49 -3.70
CA LEU A 216 8.02 11.15 -4.63
C LEU A 216 7.18 9.97 -4.10
N ASP A 217 7.84 9.04 -3.40
CA ASP A 217 7.13 7.94 -2.73
C ASP A 217 6.12 8.51 -1.74
N ALA A 218 6.58 9.40 -0.85
CA ALA A 218 5.63 10.11 0.01
C ALA A 218 4.52 10.84 -0.78
N ALA A 219 4.87 11.54 -1.85
CA ALA A 219 3.86 12.27 -2.60
C ALA A 219 2.76 11.35 -3.14
N ARG A 220 3.15 10.20 -3.68
CA ARG A 220 2.16 9.27 -4.24
C ARG A 220 1.21 8.81 -3.15
N LYS A 221 1.76 8.55 -1.97
CA LYS A 221 0.93 8.11 -0.81
C LYS A 221 -0.03 9.22 -0.38
N SER A 222 0.46 10.45 -0.44
CA SER A 222 -0.38 11.58 -0.02
C SER A 222 -1.56 11.82 -0.95
N VAL A 223 -1.44 11.46 -2.23
CA VAL A 223 -2.59 11.61 -3.16
C VAL A 223 -3.73 10.70 -2.71
N ILE A 224 -3.38 9.47 -2.42
CA ILE A 224 -4.32 8.45 -2.02
C ILE A 224 -4.98 8.83 -0.70
N LEU A 225 -4.15 9.23 0.24
CA LEU A 225 -4.62 9.71 1.54
CA LEU A 225 -4.68 9.65 1.52
C LEU A 225 -5.63 10.85 1.43
N CYS A 226 -5.23 11.89 0.70
CA CYS A 226 -6.02 13.10 0.56
C CYS A 226 -7.36 12.77 -0.15
N ASN A 227 -7.30 12.00 -1.24
CA ASN A 227 -8.55 11.66 -1.94
C ASN A 227 -9.48 10.81 -1.07
N HIS A 228 -8.92 9.89 -0.30
CA HIS A 228 -9.75 9.02 0.54
C HIS A 228 -10.42 9.87 1.62
N LEU A 229 -9.62 10.71 2.27
CA LEU A 229 -10.15 11.52 3.38
C LEU A 229 -11.17 12.58 2.98
N TYR A 230 -10.93 13.25 1.86
CA TYR A 230 -11.67 14.46 1.54
C TYR A 230 -12.54 14.36 0.30
N GLY A 231 -12.47 13.23 -0.39
CA GLY A 231 -13.31 13.02 -1.58
C GLY A 231 -12.83 13.86 -2.74
N SER A 232 -11.60 14.35 -2.65
CA SER A 232 -10.93 15.01 -3.78
C SER A 232 -10.58 14.00 -4.89
N SER A 233 -10.23 14.51 -6.07
CA SER A 233 -9.87 13.69 -7.22
C SER A 233 -8.48 14.08 -7.67
N TYR A 234 -7.58 14.27 -6.72
CA TYR A 234 -6.22 14.73 -7.03
C TYR A 234 -5.37 13.70 -7.74
N ARG A 235 -4.36 14.20 -8.45
CA ARG A 235 -3.28 13.43 -9.03
C ARG A 235 -2.02 14.01 -8.40
N LEU A 236 -0.87 13.46 -8.79
CA LEU A 236 0.40 13.90 -8.22
C LEU A 236 0.65 15.40 -8.29
N SER A 237 0.27 16.03 -9.40
CA SER A 237 0.55 17.46 -9.60
C SER A 237 -0.20 18.33 -8.58
N ASP A 238 -1.19 17.77 -7.87
CA ASP A 238 -2.01 18.53 -6.90
C ASP A 238 -1.39 18.58 -5.49
N VAL A 239 -0.30 17.86 -5.27
CA VAL A 239 0.27 17.78 -3.93
C VAL A 239 1.66 18.38 -3.92
N PHE A 240 2.12 18.76 -2.74
CA PHE A 240 3.48 19.25 -2.60
C PHE A 240 4.40 18.18 -2.09
N TYR A 241 5.64 18.12 -2.59
CA TYR A 241 6.64 17.27 -1.94
C TYR A 241 8.04 17.78 -2.12
N GLU A 242 8.94 17.29 -1.27
CA GLU A 242 10.35 17.65 -1.41
C GLU A 242 11.21 16.48 -0.87
N GLY A 243 12.51 16.49 -1.18
CA GLY A 243 13.37 15.38 -0.82
C GLY A 243 14.74 15.86 -0.35
N ILE A 244 15.73 14.98 -0.42
CA ILE A 244 17.03 15.29 0.16
C ILE A 244 18.18 15.33 -0.85
N LEU A 245 17.88 15.09 -2.13
CA LEU A 245 18.93 15.00 -3.14
C LEU A 245 19.42 16.37 -3.66
N GLN A 247 21.06 19.06 -3.21
CA GLN A 247 20.92 19.86 -1.99
C GLN A 247 21.85 19.37 -0.87
N ASP A 248 22.89 20.16 -0.55
CA ASP A 248 23.78 19.78 0.56
C ASP A 248 23.61 20.67 1.82
N ARG A 249 23.12 20.06 2.89
CA ARG A 249 22.94 20.73 4.18
C ARG A 249 22.96 19.71 5.35
N SER A 250 23.20 20.23 6.56
CA SER A 250 23.07 19.41 7.77
C SER A 250 21.58 19.22 8.14
N PHE A 251 21.27 18.10 8.77
CA PHE A 251 19.93 17.87 9.29
C PHE A 251 20.02 17.79 10.80
N GLY A 252 19.01 18.30 11.48
CA GLY A 252 18.94 18.20 12.95
C GLY A 252 18.29 16.89 13.39
N LYS A 253 18.50 16.51 14.64
CA LYS A 253 17.94 15.26 15.21
C LYS A 253 16.40 15.20 15.20
N ASN A 254 15.77 16.38 15.16
CA ASN A 254 14.30 16.44 15.21
C ASN A 254 13.65 16.64 13.85
N GLU A 255 14.43 16.56 12.76
CA GLU A 255 13.83 16.66 11.41
C GLU A 255 13.28 15.34 10.89
N ARG A 256 12.12 15.41 10.24
CA ARG A 256 11.47 14.27 9.58
C ARG A 256 10.79 14.76 8.29
N LEU A 257 10.64 13.87 7.33
CA LEU A 257 9.76 14.14 6.21
C LEU A 257 8.38 13.70 6.66
N VAL A 258 7.54 14.68 6.96
CA VAL A 258 6.19 14.44 7.46
C VAL A 258 5.18 14.65 6.34
N THR A 259 4.27 13.69 6.19
CA THR A 259 3.18 13.79 5.23
C THR A 259 1.95 14.26 5.98
N GLU A 260 1.37 15.38 5.50
CA GLU A 260 0.25 16.03 6.19
CA GLU A 260 0.24 15.99 6.18
C GLU A 260 -0.86 16.30 5.19
N THR A 261 -2.09 15.97 5.57
CA THR A 261 -3.26 16.30 4.74
CA THR A 261 -3.23 16.38 4.75
C THR A 261 -4.35 16.95 5.59
N GLY A 262 -5.09 17.90 5.00
CA GLY A 262 -6.15 18.58 5.72
C GLY A 262 -6.91 19.48 4.74
N ILE A 263 -8.00 20.08 5.21
CA ILE A 263 -8.67 21.05 4.40
C ILE A 263 -8.11 22.41 4.77
N VAL A 264 -7.43 23.05 3.81
CA VAL A 264 -6.74 24.33 4.06
C VAL A 264 -7.27 25.41 3.14
N ASN A 265 -7.72 26.52 3.74
CA ASN A 265 -8.38 27.57 3.00
C ASN A 265 -9.58 27.05 2.17
N GLY A 266 -10.33 26.08 2.74
CA GLY A 266 -11.51 25.47 2.09
C GLY A 266 -11.19 24.37 1.04
N LYS A 267 -9.90 24.13 0.79
CA LYS A 267 -9.47 23.19 -0.23
C LYS A 267 -8.69 22.03 0.39
N PRO A 268 -8.98 20.77 -0.01
CA PRO A 268 -8.12 19.67 0.47
C PRO A 268 -6.70 19.95 0.06
N SER A 269 -5.79 19.62 0.94
CA SER A 269 -4.39 19.92 0.76
C SER A 269 -3.52 18.73 1.20
N ALA A 270 -2.45 18.44 0.49
CA ALA A 270 -1.56 17.32 0.92
C ALA A 270 -0.12 17.72 0.64
N GLU A 271 0.75 17.55 1.63
CA GLU A 271 2.15 17.98 1.52
CA GLU A 271 2.15 17.96 1.52
C GLU A 271 3.06 17.02 2.29
N SER A 272 4.25 16.76 1.74
CA SER A 272 5.27 15.98 2.42
C SER A 272 6.45 16.92 2.47
N ARG A 273 6.85 17.31 3.69
CA ARG A 273 7.84 18.36 3.89
C ARG A 273 8.78 17.95 5.01
N ILE A 274 10.04 18.39 4.92
CA ILE A 274 11.01 18.14 5.97
C ILE A 274 10.85 19.20 7.04
N LYS A 275 10.45 18.77 8.23
CA LYS A 275 10.14 19.71 9.29
C LYS A 275 10.96 19.40 10.51
N SER A 276 11.34 20.45 11.22
CA SER A 276 12.03 20.26 12.47
C SER A 276 10.92 20.26 13.51
N LEU A 277 10.66 19.10 14.10
CA LEU A 277 9.49 18.91 14.96
C LEU A 277 9.84 19.33 16.36
N ASP A 278 8.84 19.72 17.14
CA ASP A 278 9.05 20.03 18.56
C ASP A 278 9.43 18.75 19.29
N SER A 279 10.24 18.89 20.34
CA SER A 279 10.81 17.72 21.04
CA SER A 279 10.80 17.75 21.08
C SER A 279 9.76 16.73 21.56
N ASN A 280 8.57 17.22 21.90
CA ASN A 280 7.51 16.34 22.43
C ASN A 280 6.55 15.82 21.33
N ASP A 281 6.89 16.04 20.07
CA ASP A 281 6.03 15.58 18.97
C ASP A 281 5.90 14.04 18.95
N TYR A 282 4.67 13.54 18.86
CA TYR A 282 4.45 12.10 18.85
C TYR A 282 5.27 11.44 17.72
N LEU A 283 5.37 12.13 16.58
CA LEU A 283 6.07 11.49 15.43
C LEU A 283 7.55 11.25 15.71
N LEU A 284 8.12 12.03 16.63
CA LEU A 284 9.53 11.83 17.01
C LEU A 284 9.72 10.59 17.85
N THR A 285 8.65 10.00 18.35
CA THR A 285 8.81 8.83 19.20
C THR A 285 8.96 7.56 18.34
N LEU A 286 8.78 7.66 17.02
CA LEU A 286 8.74 6.45 16.18
C LEU A 286 10.15 6.05 15.77
N GLY A 287 10.45 4.75 15.90
CA GLY A 287 11.75 4.15 15.53
C GLY A 287 11.92 4.25 14.04
N LYS A 288 13.15 4.01 13.55
CA LYS A 288 13.40 4.15 12.11
C LYS A 288 12.65 3.12 11.27
N GLY A 289 12.16 2.06 11.92
CA GLY A 289 11.41 1.06 11.17
C GLY A 289 9.92 1.13 11.38
N SER A 290 9.46 2.21 12.01
CA SER A 290 8.08 2.33 12.45
C SER A 290 7.30 3.35 11.62
N LEU A 291 6.15 2.93 11.09
CA LEU A 291 5.19 3.83 10.45
C LEU A 291 4.17 4.25 11.49
N GLY A 292 3.71 5.49 11.41
CA GLY A 292 2.70 5.92 12.40
C GLY A 292 2.13 7.26 12.00
N TYR A 293 1.02 7.62 12.62
CA TYR A 293 0.38 8.85 12.25
C TYR A 293 -0.47 9.36 13.39
N GLN A 294 -0.82 10.63 13.28
CA GLN A 294 -1.74 11.25 14.19
CA GLN A 294 -1.75 11.22 14.19
C GLN A 294 -2.94 11.66 13.34
N LEU A 295 -4.12 11.25 13.79
CA LEU A 295 -5.35 11.58 13.09
C LEU A 295 -6.19 12.51 13.96
N GLN A 296 -6.36 13.75 13.52
CA GLN A 296 -7.11 14.69 14.33
C GLN A 296 -8.56 14.71 13.81
N THR A 297 -9.52 14.39 14.68
CA THR A 297 -10.93 14.25 14.21
C THR A 297 -11.84 15.15 15.04
N ASP A 298 -13.00 15.52 14.49
CA ASP A 298 -13.86 16.46 15.19
C ASP A 298 -14.81 15.80 16.17
N THR A 299 -14.93 14.47 16.10
CA THR A 299 -15.90 13.73 16.95
C THR A 299 -15.27 12.56 17.73
N ASN A 300 -14.08 12.16 17.32
CA ASN A 300 -13.42 11.00 17.97
C ASN A 300 -12.05 11.34 18.53
N GLY A 301 -11.82 12.62 18.75
CA GLY A 301 -10.57 13.12 19.36
C GLY A 301 -9.36 13.03 18.43
N THR A 302 -8.17 13.15 19.02
CA THR A 302 -6.92 13.02 18.25
C THR A 302 -6.34 11.67 18.59
N LEU A 303 -6.11 10.86 17.57
CA LEU A 303 -5.70 9.47 17.74
C LEU A 303 -4.33 9.25 17.16
N ASN A 304 -3.50 8.51 17.91
CA ASN A 304 -2.13 8.17 17.47
C ASN A 304 -2.08 6.68 17.20
N VAL A 305 -1.65 6.27 16.01
CA VAL A 305 -1.64 4.87 15.63
C VAL A 305 -0.30 4.56 14.99
N SER A 306 0.34 3.47 15.40
CA SER A 306 1.64 3.11 14.76
C SER A 306 1.88 1.62 14.91
N ASP A 307 2.85 1.08 14.18
CA ASP A 307 3.32 -0.26 14.45
C ASP A 307 4.72 -0.17 15.09
N LEU A 308 5.33 -1.30 15.35
CA LEU A 308 6.69 -1.29 15.87
C LEU A 308 7.68 -1.46 14.73
N TYR A 309 7.41 -2.39 13.84
CA TYR A 309 8.28 -2.57 12.69
C TYR A 309 7.45 -2.86 11.42
N ASP A 310 7.70 -2.11 10.37
CA ASP A 310 7.02 -2.28 9.11
C ASP A 310 7.67 -3.44 8.40
N GLY A 311 6.88 -4.24 7.69
CA GLY A 311 7.49 -5.30 6.88
C GLY A 311 6.45 -5.89 5.96
N PRO A 312 6.90 -6.67 4.98
CA PRO A 312 6.02 -7.22 3.97
C PRO A 312 4.98 -8.17 4.51
N TYR A 313 5.30 -8.88 5.59
CA TYR A 313 4.31 -9.81 6.12
C TYR A 313 3.10 -9.05 6.70
N GLU A 314 3.36 -8.00 7.48
CA GLU A 314 2.28 -7.17 8.04
C GLU A 314 1.55 -6.39 6.95
N THR A 315 2.29 -6.01 5.91
CA THR A 315 1.66 -5.40 4.71
C THR A 315 0.68 -6.37 4.03
N ALA A 316 1.10 -7.61 3.85
CA ALA A 316 0.21 -8.62 3.29
C ALA A 316 -0.97 -8.86 4.25
N GLY A 317 -0.74 -8.76 5.56
CA GLY A 317 -1.85 -8.77 6.53
C GLY A 317 -2.88 -7.64 6.27
N ALA A 318 -2.45 -6.45 5.90
CA ALA A 318 -3.41 -5.39 5.50
C ALA A 318 -4.21 -5.76 4.24
N VAL A 319 -3.52 -6.37 3.27
CA VAL A 319 -4.23 -6.86 2.05
C VAL A 319 -5.29 -7.84 2.49
N ASN A 321 -6.78 -8.14 5.41
CA ASN A 321 -7.89 -7.41 6.03
C ASN A 321 -8.86 -6.84 4.99
N ASP A 322 -8.36 -6.20 3.93
CA ASP A 322 -9.22 -5.72 2.85
C ASP A 322 -10.05 -6.85 2.22
N LEU A 323 -9.41 -7.98 1.98
CA LEU A 323 -10.14 -9.15 1.43
C LEU A 323 -11.30 -9.59 2.33
N VAL A 324 -11.04 -9.64 3.64
CA VAL A 324 -12.12 -10.00 4.57
C VAL A 324 -13.27 -8.96 4.54
N ILE A 325 -12.89 -7.68 4.60
CA ILE A 325 -13.90 -6.61 4.54
C ILE A 325 -14.78 -6.79 3.30
N LEU A 326 -14.14 -7.00 2.14
CA LEU A 326 -14.93 -7.12 0.90
C LEU A 326 -15.82 -8.36 0.90
N SER A 327 -15.40 -9.39 1.63
CA SER A 327 -16.12 -10.67 1.61
C SER A 327 -17.24 -10.70 2.60
#